data_3MH6
#
_entry.id   3MH6
#
_cell.length_a   261.500
_cell.length_b   261.500
_cell.length_c   261.500
_cell.angle_alpha   90.00
_cell.angle_beta   90.00
_cell.angle_gamma   90.00
#
_symmetry.space_group_name_H-M   'F 4 3 2'
#
loop_
_entity.id
_entity.type
_entity.pdbx_description
1 polymer 'Protease do'
2 non-polymer 'DIISOPROPYL PHOSPHONATE'
#
_entity_poly.entity_id   1
_entity_poly.type   'polypeptide(L)'
_entity_poly.pdbx_seq_one_letter_code
;AETSSATTAQQMPSLAPMLEKVMPSVVSINVEGSTTVNTPRMPRNFQQFFGDDSPFCQEGSPFQSSPFCQGGQGGNGGGQ
QQKFMALGSGVIIDADKGYVVTNNHVVDNATVIKVQLSDGRKFDAKMVGKDPRSDIALIQIQNPKNLTAIKMADSDALRV
GDYTVAIGNPFGLGETVTSGIVSALGRSGLNAENYENFIQTDAAINRGNSGGALVNLNGELIGINTAILAPDGGNIGIGF
AIPSNMVKNLTSQMVEYGQVKRGELGIMGTELNSELAKAMKVDAQRGAFVSQVLPNSSAAKAGIKAGDVITSLNGKPISS
FAALRAQVGTMPVGSKLTLGLLRDGKQVNVNLELQQSSQNQVDSSSIFNGIEGAEMSNKGKDQGVVVNNVKTGTPAAQIG
LKKGDVIIGANQQAVKNIAELRKVLDSKPSVLALNIQRGDSTIYLLMQRSHHHHHH
;
_entity_poly.pdbx_strand_id   A
#
loop_
_chem_comp.id
_chem_comp.type
_chem_comp.name
_chem_comp.formula
DFP non-polymer 'DIISOPROPYL PHOSPHONATE' 'C6 H15 O3 P'
#
# COMPACT_ATOMS: atom_id res chain seq x y z
N GLN A 11 -13.18 -39.15 2.00
CA GLN A 11 -14.63 -39.15 1.87
C GLN A 11 -15.23 -37.93 2.57
N MET A 12 -14.39 -37.14 3.22
CA MET A 12 -14.85 -35.91 3.86
C MET A 12 -14.22 -34.67 3.25
N PRO A 13 -15.04 -33.85 2.56
CA PRO A 13 -14.51 -32.61 1.98
C PRO A 13 -13.82 -31.76 3.05
N SER A 14 -12.63 -31.26 2.74
CA SER A 14 -11.88 -30.48 3.70
C SER A 14 -10.91 -29.53 3.01
N LEU A 15 -10.28 -28.69 3.80
CA LEU A 15 -9.37 -27.68 3.29
C LEU A 15 -7.97 -28.00 3.77
N ALA A 16 -7.91 -28.55 4.97
CA ALA A 16 -6.67 -29.05 5.57
C ALA A 16 -5.67 -29.52 4.52
N PRO A 17 -6.13 -30.30 3.54
CA PRO A 17 -5.26 -30.75 2.47
C PRO A 17 -4.44 -29.60 1.91
N MET A 18 -5.15 -28.57 1.47
CA MET A 18 -4.48 -27.43 0.87
C MET A 18 -3.77 -26.56 1.89
N LEU A 19 -4.34 -26.45 3.08
CA LEU A 19 -3.73 -25.68 4.15
C LEU A 19 -2.31 -26.15 4.39
N GLU A 20 -2.16 -27.45 4.59
CA GLU A 20 -0.86 -28.08 4.66
C GLU A 20 0.10 -27.31 3.78
N LYS A 21 -0.35 -27.01 2.58
CA LYS A 21 0.51 -26.43 1.55
C LYS A 21 0.65 -24.92 1.67
N VAL A 22 -0.38 -24.25 2.16
CA VAL A 22 -0.40 -22.80 2.14
C VAL A 22 0.01 -22.12 3.44
N MET A 23 -0.62 -22.51 4.54
CA MET A 23 -0.37 -21.90 5.86
C MET A 23 1.06 -21.42 6.07
N PRO A 24 2.05 -22.29 5.76
CA PRO A 24 3.46 -21.94 5.88
C PRO A 24 3.77 -20.54 5.34
N SER A 25 3.15 -20.20 4.24
CA SER A 25 3.35 -18.91 3.58
C SER A 25 2.72 -17.75 4.36
N VAL A 26 2.62 -17.89 5.67
CA VAL A 26 2.00 -16.86 6.50
C VAL A 26 2.70 -16.74 7.85
N VAL A 27 2.68 -15.53 8.42
CA VAL A 27 3.46 -15.24 9.61
C VAL A 27 2.71 -14.41 10.63
N SER A 28 3.12 -14.52 11.88
CA SER A 28 2.58 -13.70 12.96
C SER A 28 3.57 -12.58 13.25
N ILE A 29 3.14 -11.34 13.07
CA ILE A 29 4.05 -10.19 13.20
C ILE A 29 3.99 -9.50 14.57
N ASN A 30 5.15 -9.36 15.21
CA ASN A 30 5.25 -8.75 16.54
C ASN A 30 6.06 -7.47 16.48
N VAL A 31 5.54 -6.41 17.09
CA VAL A 31 6.08 -5.06 16.87
C VAL A 31 6.43 -4.26 18.13
N GLU A 32 7.52 -3.50 18.04
CA GLU A 32 7.93 -2.53 19.06
C GLU A 32 8.30 -1.21 18.37
N GLY A 33 7.79 -0.10 18.89
CA GLY A 33 8.07 1.20 18.31
C GLY A 33 7.88 2.34 19.30
N SER A 34 7.76 3.56 18.78
CA SER A 34 7.51 4.73 19.62
C SER A 34 7.16 5.97 18.79
N THR A 35 6.67 7.00 19.47
CA THR A 35 6.30 8.25 18.81
C THR A 35 6.40 9.43 19.79
N GLN A 82 7.27 7.43 25.44
CA GLN A 82 6.20 6.47 25.14
C GLN A 82 6.70 5.32 24.28
N LYS A 83 6.53 4.11 24.79
CA LYS A 83 6.98 2.89 24.11
C LYS A 83 5.81 1.94 23.92
N PHE A 84 5.76 1.25 22.78
CA PHE A 84 4.61 0.40 22.49
C PHE A 84 4.93 -0.98 21.94
N MET A 85 3.93 -1.86 22.03
CA MET A 85 4.04 -3.24 21.55
C MET A 85 2.73 -3.63 20.88
N ALA A 86 2.84 -4.20 19.69
CA ALA A 86 1.65 -4.58 18.93
C ALA A 86 1.84 -5.92 18.23
N LEU A 87 0.87 -6.29 17.40
CA LEU A 87 1.00 -7.51 16.61
C LEU A 87 0.01 -7.56 15.44
N GLY A 88 0.41 -8.28 14.40
CA GLY A 88 -0.43 -8.47 13.23
C GLY A 88 -0.13 -9.78 12.55
N SER A 89 -0.17 -9.77 11.22
CA SER A 89 0.07 -10.97 10.44
C SER A 89 0.59 -10.59 9.06
N GLY A 90 1.46 -11.43 8.51
CA GLY A 90 2.08 -11.12 7.24
C GLY A 90 2.12 -12.30 6.30
N VAL A 91 2.46 -12.03 5.05
CA VAL A 91 2.41 -13.05 4.03
C VAL A 91 3.66 -13.04 3.16
N ILE A 92 4.27 -14.21 3.00
CA ILE A 92 5.46 -14.33 2.16
C ILE A 92 5.07 -14.17 0.70
N ILE A 93 5.87 -13.41 -0.04
CA ILE A 93 5.56 -13.05 -1.41
C ILE A 93 6.60 -13.62 -2.35
N ASP A 94 7.86 -13.38 -1.99
CA ASP A 94 8.99 -13.94 -2.71
C ASP A 94 9.74 -14.85 -1.74
N ALA A 95 9.70 -16.14 -2.02
CA ALA A 95 10.28 -17.14 -1.12
C ALA A 95 11.76 -16.91 -0.85
N ASP A 96 12.49 -16.51 -1.88
CA ASP A 96 13.93 -16.33 -1.75
C ASP A 96 14.30 -15.03 -1.05
N LYS A 97 13.67 -13.94 -1.45
CA LYS A 97 14.01 -12.63 -0.90
C LYS A 97 13.56 -12.52 0.55
N GLY A 98 12.49 -13.23 0.87
CA GLY A 98 11.87 -13.10 2.18
C GLY A 98 11.02 -11.85 2.20
N TYR A 99 10.17 -11.71 1.19
CA TYR A 99 9.32 -10.54 1.09
C TYR A 99 7.95 -10.77 1.71
N VAL A 100 7.75 -10.23 2.90
CA VAL A 100 6.46 -10.32 3.57
C VAL A 100 5.71 -9.02 3.38
N VAL A 101 4.39 -9.06 3.59
CA VAL A 101 3.55 -7.88 3.45
C VAL A 101 2.68 -7.71 4.68
N THR A 102 2.02 -6.56 4.79
CA THR A 102 1.13 -6.30 5.91
C THR A 102 0.47 -4.94 5.78
N ASN A 103 -0.64 -4.77 6.50
CA ASN A 103 -1.23 -3.46 6.64
C ASN A 103 -0.18 -2.52 7.22
N ASN A 104 0.07 -1.42 6.53
CA ASN A 104 0.94 -0.39 7.06
C ASN A 104 0.59 -0.07 8.50
N HIS A 105 -0.70 -0.02 8.79
CA HIS A 105 -1.19 0.40 10.09
C HIS A 105 -0.74 -0.53 11.22
N VAL A 106 -0.16 -1.66 10.84
CA VAL A 106 0.30 -2.64 11.81
C VAL A 106 1.77 -2.42 12.13
N VAL A 107 2.48 -1.79 11.20
CA VAL A 107 3.92 -1.67 11.29
C VAL A 107 4.34 -0.21 11.40
N ASP A 108 3.38 0.70 11.27
CA ASP A 108 3.68 2.12 11.23
C ASP A 108 4.48 2.59 12.44
N ASN A 109 5.59 3.28 12.16
CA ASN A 109 6.47 3.80 13.20
C ASN A 109 7.16 2.70 13.99
N ALA A 110 7.50 1.60 13.31
CA ALA A 110 8.07 0.44 13.98
C ALA A 110 9.58 0.54 14.16
N THR A 111 10.02 0.40 15.40
CA THR A 111 11.44 0.36 15.73
C THR A 111 12.02 -1.02 15.48
N VAL A 112 11.52 -2.01 16.22
CA VAL A 112 11.93 -3.39 16.05
C VAL A 112 10.74 -4.27 15.65
N ILE A 113 10.92 -5.06 14.60
CA ILE A 113 9.87 -5.96 14.14
C ILE A 113 10.40 -7.37 13.93
N LYS A 114 9.80 -8.33 14.62
CA LYS A 114 10.23 -9.70 14.46
C LYS A 114 9.10 -10.49 13.85
N VAL A 115 9.44 -11.49 13.06
CA VAL A 115 8.45 -12.32 12.40
C VAL A 115 8.54 -13.75 12.89
N GLN A 116 7.39 -14.32 13.21
CA GLN A 116 7.34 -15.72 13.65
C GLN A 116 6.61 -16.55 12.61
N LEU A 117 7.09 -17.75 12.39
CA LEU A 117 6.57 -18.58 11.31
C LEU A 117 5.47 -19.54 11.73
N SER A 118 4.93 -20.22 10.72
CA SER A 118 3.96 -21.27 10.95
C SER A 118 4.64 -22.40 11.72
N ASP A 119 5.95 -22.48 11.59
CA ASP A 119 6.71 -23.58 12.17
C ASP A 119 7.63 -23.17 13.32
N GLY A 120 7.32 -22.06 13.97
CA GLY A 120 8.01 -21.67 15.19
C GLY A 120 9.22 -20.76 15.06
N ARG A 121 9.79 -20.69 13.85
CA ARG A 121 10.98 -19.89 13.61
C ARG A 121 10.75 -18.40 13.83
N LYS A 122 11.75 -17.74 14.40
CA LYS A 122 11.70 -16.31 14.59
C LYS A 122 12.78 -15.66 13.75
N PHE A 123 12.39 -14.63 12.99
CA PHE A 123 13.32 -13.87 12.17
C PHE A 123 13.24 -12.39 12.49
N ASP A 124 14.28 -11.65 12.11
CA ASP A 124 14.24 -10.19 12.21
C ASP A 124 13.96 -9.63 10.83
N ALA A 125 13.15 -8.58 10.80
CA ALA A 125 12.75 -7.98 9.54
C ALA A 125 13.03 -6.49 9.52
N LYS A 126 12.99 -5.91 8.32
CA LYS A 126 13.27 -4.49 8.14
C LYS A 126 12.27 -3.79 7.23
N MET A 127 12.02 -2.51 7.47
CA MET A 127 11.12 -1.75 6.62
C MET A 127 11.66 -1.69 5.18
N VAL A 128 10.76 -1.65 4.20
CA VAL A 128 11.17 -1.58 2.80
C VAL A 128 10.23 -0.71 1.98
N GLY A 129 9.28 -0.07 2.65
CA GLY A 129 8.36 0.82 1.97
C GLY A 129 6.97 0.83 2.56
N LYS A 130 6.49 2.02 2.89
CA LYS A 130 5.16 2.18 3.45
C LYS A 130 4.30 3.07 2.57
N ASP A 131 3.02 2.75 2.50
CA ASP A 131 2.05 3.52 1.73
C ASP A 131 0.77 3.63 2.53
N PRO A 132 0.77 4.46 3.57
CA PRO A 132 -0.37 4.58 4.48
C PRO A 132 -1.61 5.14 3.81
N ARG A 133 -1.57 5.32 2.50
CA ARG A 133 -2.75 5.77 1.76
C ARG A 133 -3.68 4.58 1.51
N SER A 134 -3.09 3.46 1.10
CA SER A 134 -3.85 2.22 0.91
C SER A 134 -3.45 1.21 2.00
N ASP A 135 -2.59 1.65 2.91
CA ASP A 135 -2.28 0.90 4.12
C ASP A 135 -1.56 -0.44 3.89
N ILE A 136 -0.74 -0.51 2.86
CA ILE A 136 0.11 -1.67 2.68
C ILE A 136 1.52 -1.31 3.12
N ALA A 137 2.34 -2.33 3.36
CA ALA A 137 3.71 -2.10 3.81
C ALA A 137 4.60 -3.31 3.59
N LEU A 138 5.49 -3.23 2.61
CA LEU A 138 6.41 -4.32 2.35
C LEU A 138 7.54 -4.32 3.38
N ILE A 139 7.84 -5.49 3.92
CA ILE A 139 8.97 -5.65 4.81
C ILE A 139 9.78 -6.87 4.38
N GLN A 140 11.06 -6.92 4.73
CA GLN A 140 11.89 -8.06 4.36
C GLN A 140 12.53 -8.74 5.57
N ILE A 141 12.95 -9.97 5.39
CA ILE A 141 13.47 -10.78 6.48
C ILE A 141 15.00 -10.93 6.44
N GLN A 142 15.62 -10.74 7.59
CA GLN A 142 17.06 -10.83 7.72
C GLN A 142 17.53 -12.28 7.71
N ASN A 143 18.19 -12.68 6.64
CA ASN A 143 18.66 -14.05 6.47
C ASN A 143 17.54 -15.03 6.17
N PRO A 144 16.85 -14.81 5.04
CA PRO A 144 15.77 -15.73 4.68
C PRO A 144 16.29 -17.10 4.27
N LYS A 145 15.84 -18.14 4.98
CA LYS A 145 16.27 -19.51 4.69
C LYS A 145 15.11 -20.49 4.67
N ASN A 146 15.02 -21.30 3.62
CA ASN A 146 14.00 -22.33 3.51
C ASN A 146 12.58 -21.81 3.66
N LEU A 147 12.22 -20.78 2.89
CA LEU A 147 10.91 -20.13 3.04
C LEU A 147 9.81 -20.70 2.15
N THR A 148 8.61 -20.13 2.28
CA THR A 148 7.48 -20.55 1.46
C THR A 148 6.67 -19.35 0.99
N ALA A 149 6.88 -18.97 -0.27
CA ALA A 149 6.14 -17.88 -0.88
C ALA A 149 4.68 -18.27 -0.98
N ILE A 150 3.90 -17.48 -1.71
CA ILE A 150 2.52 -17.85 -2.01
C ILE A 150 2.10 -17.43 -3.42
N LYS A 151 1.29 -18.27 -4.04
CA LYS A 151 0.77 -17.97 -5.37
C LYS A 151 -0.34 -16.94 -5.24
N MET A 152 -0.36 -15.97 -6.16
CA MET A 152 -1.42 -14.99 -6.17
C MET A 152 -2.45 -15.30 -7.25
N ALA A 153 -3.68 -14.89 -7.01
CA ALA A 153 -4.75 -15.05 -7.99
C ALA A 153 -5.23 -13.68 -8.45
N ASP A 154 -6.12 -13.67 -9.45
CA ASP A 154 -6.61 -12.42 -10.01
C ASP A 154 -7.85 -11.88 -9.30
N SER A 155 -7.65 -10.97 -8.36
CA SER A 155 -8.75 -10.41 -7.59
C SER A 155 -9.87 -9.90 -8.49
N ASP A 156 -9.54 -9.63 -9.74
CA ASP A 156 -10.50 -9.05 -10.68
C ASP A 156 -11.57 -10.03 -11.16
N ALA A 157 -11.18 -11.27 -11.37
CA ALA A 157 -12.12 -12.29 -11.86
C ALA A 157 -12.87 -12.92 -10.72
N LEU A 158 -12.89 -12.22 -9.58
CA LEU A 158 -13.67 -12.67 -8.44
C LEU A 158 -15.17 -12.51 -8.64
N ARG A 159 -15.93 -13.34 -7.93
CA ARG A 159 -17.37 -13.23 -7.92
C ARG A 159 -17.87 -13.22 -6.47
N VAL A 160 -19.01 -12.60 -6.25
CA VAL A 160 -19.55 -12.44 -4.91
C VAL A 160 -19.73 -13.76 -4.16
N GLY A 161 -20.27 -14.77 -4.83
CA GLY A 161 -20.64 -16.01 -4.16
C GLY A 161 -19.55 -17.03 -3.86
N ASP A 162 -18.30 -16.71 -4.19
CA ASP A 162 -17.20 -17.65 -4.00
C ASP A 162 -16.85 -17.75 -2.53
N TYR A 163 -16.26 -18.86 -2.13
CA TYR A 163 -15.83 -19.05 -0.75
C TYR A 163 -14.42 -18.53 -0.56
N THR A 164 -14.08 -18.17 0.67
CA THR A 164 -12.75 -17.68 1.01
C THR A 164 -12.38 -18.10 2.44
N VAL A 165 -11.08 -18.27 2.69
CA VAL A 165 -10.63 -18.50 4.04
C VAL A 165 -9.56 -17.50 4.43
N ALA A 166 -9.60 -17.06 5.68
CA ALA A 166 -8.68 -16.06 6.16
C ALA A 166 -7.90 -16.60 7.34
N ILE A 167 -6.58 -16.40 7.29
CA ILE A 167 -5.71 -16.81 8.38
C ILE A 167 -4.99 -15.61 8.95
N GLY A 168 -4.51 -15.74 10.18
CA GLY A 168 -3.84 -14.65 10.83
C GLY A 168 -3.62 -14.92 12.30
N ASN A 169 -2.83 -14.06 12.93
CA ASN A 169 -2.51 -14.17 14.33
C ASN A 169 -3.39 -13.24 15.16
N PRO A 170 -4.68 -13.56 15.26
CA PRO A 170 -5.60 -12.65 15.93
C PRO A 170 -5.42 -12.76 17.42
N PHE A 171 -5.31 -11.60 18.07
CA PHE A 171 -5.17 -11.57 19.51
C PHE A 171 -3.93 -12.36 19.92
N GLY A 172 -2.96 -12.46 19.02
CA GLY A 172 -1.76 -13.19 19.31
C GLY A 172 -2.07 -14.66 19.50
N LEU A 173 -2.93 -15.18 18.64
CA LEU A 173 -3.37 -16.55 18.80
C LEU A 173 -2.71 -17.54 17.86
N GLY A 174 -1.51 -17.21 17.42
CA GLY A 174 -0.83 -18.09 16.49
C GLY A 174 -1.70 -18.37 15.28
N GLU A 175 -1.21 -19.21 14.38
CA GLU A 175 -1.88 -19.49 13.12
C GLU A 175 -3.37 -19.79 13.28
N THR A 176 -4.22 -18.79 13.05
CA THR A 176 -5.65 -18.99 13.22
C THR A 176 -6.43 -18.80 11.93
N VAL A 177 -6.95 -19.90 11.40
CA VAL A 177 -7.72 -19.84 10.18
C VAL A 177 -9.21 -19.88 10.46
N THR A 178 -9.96 -19.11 9.67
CA THR A 178 -11.41 -19.04 9.79
C THR A 178 -12.02 -19.12 8.39
N SER A 179 -13.33 -19.31 8.29
CA SER A 179 -13.93 -19.53 6.98
C SER A 179 -15.14 -18.64 6.67
N GLY A 180 -15.37 -18.43 5.38
CA GLY A 180 -16.48 -17.62 4.91
C GLY A 180 -16.55 -17.56 3.39
N ILE A 181 -17.25 -16.56 2.88
CA ILE A 181 -17.38 -16.37 1.45
C ILE A 181 -17.19 -14.89 1.11
N VAL A 182 -17.23 -14.57 -0.18
CA VAL A 182 -17.16 -13.18 -0.60
C VAL A 182 -18.47 -12.47 -0.34
N SER A 183 -18.59 -11.78 0.79
CA SER A 183 -19.81 -11.05 1.11
C SER A 183 -20.20 -10.02 0.04
N ALA A 184 -19.21 -9.38 -0.57
CA ALA A 184 -19.44 -8.43 -1.65
C ALA A 184 -18.13 -7.75 -2.04
N LEU A 185 -18.12 -7.13 -3.21
CA LEU A 185 -16.89 -6.59 -3.78
C LEU A 185 -16.89 -5.07 -3.99
N GLY A 186 -15.69 -4.50 -4.05
CA GLY A 186 -15.52 -3.09 -4.37
C GLY A 186 -16.07 -2.17 -3.31
N ARG A 187 -16.22 -2.68 -2.09
CA ARG A 187 -16.68 -1.85 -0.99
C ARG A 187 -15.62 -0.80 -0.66
N SER A 188 -16.06 0.38 -0.25
CA SER A 188 -15.13 1.47 0.05
C SER A 188 -15.68 2.32 1.18
N GLY A 189 -15.12 3.50 1.36
CA GLY A 189 -15.79 4.54 2.12
C GLY A 189 -15.53 4.72 3.60
N LEU A 190 -14.90 3.75 4.25
CA LEU A 190 -14.60 3.91 5.68
C LEU A 190 -13.85 5.22 5.90
N ASN A 191 -12.65 5.30 5.33
CA ASN A 191 -11.88 6.53 5.33
C ASN A 191 -11.77 7.06 3.91
N ALA A 192 -12.80 7.79 3.48
CA ALA A 192 -12.96 8.22 2.10
C ALA A 192 -11.66 8.63 1.39
N GLU A 193 -10.73 9.20 2.16
CA GLU A 193 -9.50 9.73 1.58
C GLU A 193 -8.50 8.65 1.21
N ASN A 194 -8.66 7.46 1.78
CA ASN A 194 -7.79 6.35 1.43
C ASN A 194 -8.19 5.71 0.11
N TYR A 195 -7.24 5.07 -0.55
CA TYR A 195 -7.55 4.26 -1.72
C TYR A 195 -8.09 2.93 -1.26
N GLU A 196 -9.41 2.81 -1.22
CA GLU A 196 -10.03 1.58 -0.78
C GLU A 196 -10.98 0.99 -1.83
N ASN A 197 -10.82 -0.30 -2.06
CA ASN A 197 -11.68 -1.03 -2.96
C ASN A 197 -11.87 -2.43 -2.40
N PHE A 198 -12.02 -2.49 -1.09
CA PHE A 198 -12.05 -3.75 -0.38
C PHE A 198 -12.96 -4.80 -0.99
N ILE A 199 -12.58 -6.06 -0.77
CA ILE A 199 -13.47 -7.20 -0.89
C ILE A 199 -14.05 -7.40 0.50
N GLN A 200 -15.30 -7.83 0.59
CA GLN A 200 -15.95 -7.93 1.89
C GLN A 200 -16.35 -9.37 2.13
N THR A 201 -16.03 -9.88 3.32
CA THR A 201 -16.31 -11.28 3.66
C THR A 201 -16.94 -11.47 5.04
N ASP A 202 -17.63 -12.60 5.21
CA ASP A 202 -18.23 -12.97 6.48
C ASP A 202 -17.29 -13.86 7.27
N ALA A 203 -16.15 -14.20 6.66
CA ALA A 203 -15.12 -14.92 7.37
C ALA A 203 -14.77 -14.16 8.65
N ALA A 204 -14.27 -14.89 9.64
CA ALA A 204 -14.05 -14.30 10.96
C ALA A 204 -12.68 -13.63 11.08
N ILE A 205 -12.69 -12.35 11.45
CA ILE A 205 -11.48 -11.54 11.49
C ILE A 205 -11.42 -10.64 12.72
N ASN A 206 -10.22 -10.40 13.25
CA ASN A 206 -10.05 -9.51 14.40
C ASN A 206 -8.65 -8.91 14.51
N ARG A 207 -8.43 -8.09 15.54
CA ARG A 207 -7.12 -7.55 15.83
C ARG A 207 -6.11 -8.70 15.84
N GLY A 208 -5.16 -8.65 14.92
CA GLY A 208 -4.21 -9.72 14.75
C GLY A 208 -4.23 -10.18 13.32
N ASN A 209 -5.43 -10.39 12.78
CA ASN A 209 -5.57 -10.79 11.40
C ASN A 209 -5.04 -9.76 10.42
N SER A 210 -4.69 -8.57 10.94
CA SER A 210 -4.28 -7.45 10.11
C SER A 210 -3.00 -7.76 9.37
N GLY A 211 -3.09 -7.80 8.04
CA GLY A 211 -1.95 -8.16 7.22
C GLY A 211 -1.96 -9.65 6.98
N GLY A 212 -2.92 -10.32 7.61
CA GLY A 212 -3.14 -11.75 7.40
C GLY A 212 -3.57 -12.02 5.97
N ALA A 213 -3.79 -13.28 5.65
CA ALA A 213 -4.16 -13.65 4.29
C ALA A 213 -5.63 -14.00 4.17
N LEU A 214 -6.07 -14.11 2.93
CA LEU A 214 -7.45 -14.44 2.61
C LEU A 214 -7.45 -15.08 1.23
N VAL A 215 -7.73 -16.38 1.15
CA VAL A 215 -7.50 -17.10 -0.09
C VAL A 215 -8.68 -17.86 -0.61
N ASN A 216 -8.68 -18.09 -1.92
CA ASN A 216 -9.62 -19.00 -2.52
C ASN A 216 -9.28 -20.40 -2.06
N LEU A 217 -10.14 -21.35 -2.39
CA LEU A 217 -9.97 -22.71 -1.92
C LEU A 217 -8.64 -23.27 -2.37
N ASN A 218 -8.18 -22.84 -3.53
CA ASN A 218 -6.95 -23.37 -4.12
C ASN A 218 -5.70 -22.97 -3.38
N GLY A 219 -5.85 -22.19 -2.32
CA GLY A 219 -4.70 -21.69 -1.59
C GLY A 219 -3.96 -20.65 -2.42
N GLU A 220 -4.70 -19.95 -3.26
CA GLU A 220 -4.18 -18.81 -4.00
C GLU A 220 -4.68 -17.52 -3.36
N LEU A 221 -3.78 -16.55 -3.25
CA LEU A 221 -4.12 -15.30 -2.57
C LEU A 221 -4.96 -14.40 -3.44
N ILE A 222 -5.84 -13.63 -2.79
CA ILE A 222 -6.78 -12.77 -3.47
C ILE A 222 -6.96 -11.43 -2.77
N GLY A 223 -6.50 -11.35 -1.53
CA GLY A 223 -6.60 -10.12 -0.78
C GLY A 223 -6.04 -10.22 0.63
N ILE A 224 -5.85 -9.07 1.26
CA ILE A 224 -5.30 -9.02 2.60
C ILE A 224 -6.26 -8.46 3.63
N ASN A 225 -6.54 -9.26 4.66
CA ASN A 225 -7.31 -8.79 5.79
C ASN A 225 -6.76 -7.46 6.27
N THR A 226 -7.54 -6.40 6.09
CA THR A 226 -7.13 -5.08 6.52
C THR A 226 -7.84 -4.67 7.79
N ALA A 227 -9.12 -4.36 7.65
CA ALA A 227 -9.92 -3.95 8.79
C ALA A 227 -11.28 -4.63 8.74
N ILE A 228 -11.98 -4.62 9.87
CA ILE A 228 -13.36 -5.09 9.91
C ILE A 228 -14.24 -3.98 10.41
N LEU A 229 -15.55 -4.12 10.22
CA LEU A 229 -16.49 -3.21 10.84
C LEU A 229 -16.93 -3.82 12.16
N ALA A 230 -16.99 -3.00 13.21
CA ALA A 230 -17.38 -3.48 14.52
C ALA A 230 -17.46 -2.40 15.58
N PRO A 231 -18.66 -2.17 16.12
CA PRO A 231 -18.78 -1.43 17.38
C PRO A 231 -18.31 -2.37 18.47
N ASP A 232 -17.59 -1.85 19.45
CA ASP A 232 -16.95 -2.72 20.43
C ASP A 232 -16.12 -3.74 19.68
N GLY A 233 -14.92 -3.33 19.27
CA GLY A 233 -14.04 -4.18 18.50
C GLY A 233 -14.31 -5.66 18.65
N GLY A 234 -15.08 -6.21 17.72
CA GLY A 234 -15.44 -7.63 17.74
C GLY A 234 -16.08 -8.01 16.43
N ASN A 235 -15.77 -9.20 15.92
CA ASN A 235 -16.25 -9.57 14.60
C ASN A 235 -17.74 -9.85 14.56
N ILE A 236 -18.45 -9.06 13.76
CA ILE A 236 -19.88 -9.22 13.59
C ILE A 236 -20.14 -10.11 12.38
N GLY A 237 -19.07 -10.49 11.70
CA GLY A 237 -19.19 -11.25 10.49
C GLY A 237 -19.00 -10.38 9.28
N ILE A 238 -18.41 -9.20 9.49
CA ILE A 238 -18.09 -8.33 8.39
C ILE A 238 -16.61 -7.97 8.42
N GLY A 239 -15.86 -8.53 7.48
CA GLY A 239 -14.45 -8.24 7.34
C GLY A 239 -14.14 -7.65 5.97
N PHE A 240 -13.04 -6.93 5.87
CA PHE A 240 -12.62 -6.39 4.58
C PHE A 240 -11.16 -6.71 4.27
N ALA A 241 -10.87 -6.86 2.97
CA ALA A 241 -9.51 -7.16 2.53
C ALA A 241 -9.21 -6.46 1.21
N ILE A 242 -7.94 -6.17 0.98
CA ILE A 242 -7.55 -5.49 -0.24
C ILE A 242 -7.27 -6.51 -1.33
N PRO A 243 -7.95 -6.35 -2.47
CA PRO A 243 -7.82 -7.28 -3.60
C PRO A 243 -6.37 -7.54 -3.92
N SER A 244 -6.03 -8.78 -4.29
CA SER A 244 -4.68 -9.12 -4.65
C SER A 244 -4.14 -8.11 -5.64
N ASN A 245 -4.68 -8.14 -6.86
CA ASN A 245 -4.23 -7.26 -7.94
C ASN A 245 -3.72 -5.91 -7.46
N MET A 246 -4.56 -5.17 -6.74
CA MET A 246 -4.14 -3.89 -6.16
C MET A 246 -2.79 -4.03 -5.49
N VAL A 247 -2.71 -4.94 -4.54
CA VAL A 247 -1.52 -5.16 -3.76
C VAL A 247 -0.28 -5.45 -4.62
N LYS A 248 -0.42 -6.38 -5.56
CA LYS A 248 0.66 -6.70 -6.49
C LYS A 248 1.34 -5.42 -6.97
N ASN A 249 0.54 -4.48 -7.45
CA ASN A 249 1.05 -3.22 -7.96
C ASN A 249 1.84 -2.46 -6.91
N LEU A 250 1.14 -2.01 -5.87
CA LEU A 250 1.78 -1.35 -4.74
C LEU A 250 3.06 -2.08 -4.34
N THR A 251 3.02 -3.40 -4.46
CA THR A 251 4.15 -4.24 -4.10
C THR A 251 5.34 -4.04 -5.04
N SER A 252 5.32 -4.72 -6.18
CA SER A 252 6.43 -4.70 -7.12
C SER A 252 6.99 -3.30 -7.32
N GLN A 253 6.17 -2.30 -6.99
CA GLN A 253 6.63 -0.92 -6.97
C GLN A 253 7.72 -0.74 -5.94
N MET A 254 7.35 -0.79 -4.67
CA MET A 254 8.33 -0.62 -3.59
C MET A 254 9.51 -1.56 -3.79
N VAL A 255 9.22 -2.77 -4.24
CA VAL A 255 10.25 -3.75 -4.55
C VAL A 255 11.44 -3.11 -5.25
N GLU A 256 11.17 -2.05 -6.01
CA GLU A 256 12.21 -1.49 -6.86
C GLU A 256 12.47 -0.01 -6.62
N TYR A 257 11.84 0.55 -5.59
CA TYR A 257 11.98 1.98 -5.36
C TYR A 257 11.87 2.38 -3.89
N GLY A 258 11.52 1.42 -3.04
CA GLY A 258 11.37 1.68 -1.62
C GLY A 258 10.26 2.66 -1.34
N GLN A 259 9.46 2.94 -2.36
CA GLN A 259 8.36 3.90 -2.22
C GLN A 259 7.38 3.81 -3.38
N VAL A 260 6.36 4.68 -3.31
CA VAL A 260 5.28 4.67 -4.27
C VAL A 260 5.29 5.88 -5.20
N LYS A 261 5.22 5.63 -6.50
CA LYS A 261 5.22 6.70 -7.49
C LYS A 261 3.82 6.86 -8.06
N ARG A 262 3.06 7.76 -7.44
CA ARG A 262 1.63 7.90 -7.71
C ARG A 262 1.32 8.57 -9.04
N GLY A 263 0.62 7.84 -9.89
CA GLY A 263 0.17 8.41 -11.15
C GLY A 263 -1.23 8.98 -10.99
N GLU A 264 -1.47 10.10 -11.65
CA GLU A 264 -2.81 10.69 -11.67
C GLU A 264 -3.21 11.00 -13.10
N LEU A 265 -4.50 11.06 -13.36
CA LEU A 265 -4.99 11.45 -14.67
C LEU A 265 -5.23 12.95 -14.66
N GLY A 266 -5.51 13.47 -13.47
CA GLY A 266 -5.82 14.87 -13.31
C GLY A 266 -7.29 15.16 -13.57
N ILE A 267 -8.15 14.57 -12.75
CA ILE A 267 -9.57 14.85 -12.85
C ILE A 267 -10.25 14.91 -11.49
N MET A 268 -11.44 15.50 -11.49
CA MET A 268 -12.30 15.54 -10.34
C MET A 268 -13.63 14.93 -10.70
N GLY A 269 -14.32 14.40 -9.71
CA GLY A 269 -15.61 13.77 -9.95
C GLY A 269 -16.31 13.35 -8.68
N THR A 270 -17.35 12.54 -8.85
CA THR A 270 -18.12 12.06 -7.70
C THR A 270 -19.05 10.95 -8.14
N GLU A 271 -19.51 10.15 -7.18
CA GLU A 271 -20.30 8.96 -7.45
C GLU A 271 -21.58 9.24 -8.25
N LEU A 272 -21.69 8.60 -9.40
CA LEU A 272 -22.92 8.70 -10.17
C LEU A 272 -23.99 7.79 -9.56
N ASN A 273 -24.92 8.37 -8.83
CA ASN A 273 -26.07 7.61 -8.35
C ASN A 273 -27.22 7.75 -9.34
N SER A 274 -28.41 7.30 -8.96
CA SER A 274 -29.55 7.33 -9.87
C SER A 274 -30.03 8.75 -10.15
N GLU A 275 -30.26 9.52 -9.08
CA GLU A 275 -30.73 10.89 -9.21
C GLU A 275 -29.92 11.63 -10.25
N LEU A 276 -28.61 11.49 -10.17
CA LEU A 276 -27.72 12.19 -11.09
C LEU A 276 -28.00 11.77 -12.52
N ALA A 277 -27.95 10.47 -12.79
CA ALA A 277 -28.25 9.96 -14.12
C ALA A 277 -29.53 10.56 -14.67
N LYS A 278 -30.47 10.87 -13.78
CA LYS A 278 -31.67 11.61 -14.17
C LYS A 278 -31.26 12.99 -14.66
N ALA A 279 -30.87 13.84 -13.72
CA ALA A 279 -30.46 15.22 -14.02
C ALA A 279 -29.64 15.33 -15.31
N MET A 280 -28.69 14.42 -15.50
CA MET A 280 -27.82 14.45 -16.68
C MET A 280 -28.18 13.43 -17.74
N LYS A 281 -29.43 13.01 -17.74
CA LYS A 281 -30.03 12.28 -18.86
C LYS A 281 -29.16 11.18 -19.47
N VAL A 282 -28.59 10.32 -18.63
CA VAL A 282 -27.82 9.18 -19.15
C VAL A 282 -28.35 7.86 -18.60
N ASP A 283 -27.96 6.76 -19.23
CA ASP A 283 -28.35 5.42 -18.79
C ASP A 283 -27.19 4.76 -18.06
N ALA A 284 -27.21 4.86 -16.74
CA ALA A 284 -26.18 4.26 -15.91
C ALA A 284 -26.38 4.69 -14.47
N GLN A 285 -26.79 3.77 -13.62
CA GLN A 285 -27.06 4.10 -12.23
C GLN A 285 -25.79 4.02 -11.37
N ARG A 286 -24.77 3.33 -11.86
CA ARG A 286 -23.47 3.30 -11.24
C ARG A 286 -22.38 3.80 -12.17
N GLY A 287 -21.35 4.41 -11.60
CA GLY A 287 -20.24 4.84 -12.42
C GLY A 287 -19.50 6.04 -11.87
N ALA A 288 -18.49 6.47 -12.61
CA ALA A 288 -17.68 7.62 -12.23
C ALA A 288 -18.03 8.83 -13.09
N PHE A 289 -18.43 9.92 -12.43
CA PHE A 289 -18.84 11.11 -13.14
C PHE A 289 -17.68 12.11 -13.23
N VAL A 290 -17.42 12.60 -14.45
CA VAL A 290 -16.31 13.51 -14.68
C VAL A 290 -16.68 14.96 -14.39
N SER A 291 -16.47 15.39 -13.15
CA SER A 291 -16.72 16.76 -12.76
C SER A 291 -16.02 17.73 -13.70
N GLN A 292 -14.69 17.72 -13.65
CA GLN A 292 -13.89 18.73 -14.35
C GLN A 292 -12.49 18.22 -14.64
N VAL A 293 -12.20 17.94 -15.91
CA VAL A 293 -10.85 17.52 -16.28
C VAL A 293 -9.85 18.62 -15.94
N LEU A 294 -8.57 18.26 -15.88
CA LEU A 294 -7.53 19.24 -15.67
C LEU A 294 -6.81 19.51 -16.98
N PRO A 295 -6.24 20.72 -17.11
CA PRO A 295 -5.50 21.13 -18.31
C PRO A 295 -4.07 20.62 -18.27
N ASN A 296 -3.57 20.13 -19.40
CA ASN A 296 -2.22 19.57 -19.46
C ASN A 296 -2.09 18.29 -18.63
N SER A 297 -3.23 17.69 -18.32
CA SER A 297 -3.25 16.42 -17.61
C SER A 297 -3.53 15.33 -18.63
N SER A 298 -3.18 14.09 -18.28
CA SER A 298 -3.42 12.95 -19.14
C SER A 298 -4.83 13.04 -19.71
N ALA A 299 -5.79 13.26 -18.82
CA ALA A 299 -7.19 13.39 -19.21
C ALA A 299 -7.35 14.47 -20.25
N ALA A 300 -6.89 15.67 -19.92
CA ALA A 300 -6.89 16.78 -20.86
C ALA A 300 -6.47 16.28 -22.22
N LYS A 301 -5.18 15.95 -22.33
CA LYS A 301 -4.60 15.47 -23.57
C LYS A 301 -5.44 14.35 -24.18
N ALA A 302 -5.80 13.37 -23.36
CA ALA A 302 -6.58 12.23 -23.83
C ALA A 302 -7.81 12.69 -24.59
N GLY A 303 -8.43 13.77 -24.11
CA GLY A 303 -9.61 14.32 -24.73
C GLY A 303 -10.88 13.91 -24.00
N ILE A 304 -10.99 14.33 -22.74
CA ILE A 304 -12.15 13.99 -21.94
C ILE A 304 -12.83 15.26 -21.45
N LYS A 305 -14.16 15.28 -21.52
CA LYS A 305 -14.92 16.47 -21.18
C LYS A 305 -15.61 16.34 -19.84
N ALA A 306 -15.65 17.45 -19.10
CA ALA A 306 -16.43 17.53 -17.87
C ALA A 306 -17.88 17.21 -18.18
N GLY A 307 -18.44 16.24 -17.46
CA GLY A 307 -19.80 15.82 -17.70
C GLY A 307 -19.86 14.48 -18.40
N ASP A 308 -18.72 13.80 -18.50
CA ASP A 308 -18.67 12.45 -19.05
C ASP A 308 -18.72 11.44 -17.92
N VAL A 309 -19.05 10.21 -18.26
CA VAL A 309 -19.03 9.14 -17.27
C VAL A 309 -18.24 7.94 -17.76
N ILE A 310 -17.46 7.35 -16.86
CA ILE A 310 -16.68 6.17 -17.18
C ILE A 310 -17.41 4.91 -16.72
N THR A 311 -17.48 3.92 -17.60
CA THR A 311 -18.23 2.70 -17.35
C THR A 311 -17.30 1.51 -17.14
N SER A 312 -16.09 1.59 -17.67
CA SER A 312 -15.17 0.48 -17.61
C SER A 312 -13.72 0.93 -17.60
N LEU A 313 -12.86 0.07 -17.05
CA LEU A 313 -11.41 0.29 -17.06
C LEU A 313 -10.72 -1.00 -17.51
N ASN A 314 -9.94 -0.90 -18.58
CA ASN A 314 -9.28 -2.06 -19.16
C ASN A 314 -10.26 -3.21 -19.29
N GLY A 315 -11.46 -2.89 -19.78
CA GLY A 315 -12.49 -3.88 -19.96
C GLY A 315 -13.30 -4.14 -18.70
N LYS A 316 -12.71 -3.82 -17.55
CA LYS A 316 -13.35 -4.10 -16.26
C LYS A 316 -14.41 -3.07 -15.86
N PRO A 317 -15.69 -3.48 -15.94
CA PRO A 317 -16.81 -2.60 -15.57
C PRO A 317 -16.49 -1.91 -14.25
N ILE A 318 -17.04 -0.73 -14.06
CA ILE A 318 -16.69 0.08 -12.89
C ILE A 318 -17.89 0.24 -11.95
N SER A 319 -17.76 -0.31 -10.74
CA SER A 319 -18.84 -0.23 -9.76
C SER A 319 -19.11 1.23 -9.40
N SER A 320 -18.04 1.96 -9.10
CA SER A 320 -18.18 3.33 -8.63
C SER A 320 -16.85 4.09 -8.62
N PHE A 321 -16.94 5.39 -8.36
CA PHE A 321 -15.78 6.27 -8.35
C PHE A 321 -14.72 5.81 -7.35
N ALA A 322 -15.16 5.58 -6.11
CA ALA A 322 -14.25 5.15 -5.05
C ALA A 322 -13.26 4.12 -5.54
N ALA A 323 -13.79 3.04 -6.13
CA ALA A 323 -12.95 1.98 -6.69
C ALA A 323 -11.99 2.56 -7.72
N LEU A 324 -12.55 3.17 -8.75
CA LEU A 324 -11.74 3.78 -9.80
C LEU A 324 -10.54 4.50 -9.19
N ARG A 325 -10.78 5.29 -8.15
CA ARG A 325 -9.71 5.99 -7.48
C ARG A 325 -8.67 5.00 -7.01
N ALA A 326 -9.01 4.21 -5.99
CA ALA A 326 -8.11 3.20 -5.46
C ALA A 326 -7.42 2.41 -6.58
N GLN A 327 -8.20 2.01 -7.58
CA GLN A 327 -7.68 1.24 -8.71
C GLN A 327 -6.44 1.85 -9.35
N VAL A 328 -6.51 3.15 -9.63
CA VAL A 328 -5.46 3.83 -10.37
C VAL A 328 -4.39 4.42 -9.47
N GLY A 329 -4.80 4.99 -8.34
CA GLY A 329 -3.83 5.46 -7.36
C GLY A 329 -2.88 4.32 -7.09
N THR A 330 -3.43 3.11 -7.12
CA THR A 330 -2.67 1.88 -7.05
C THR A 330 -1.52 1.84 -8.06
N MET A 331 -1.84 2.14 -9.32
CA MET A 331 -0.89 1.98 -10.42
C MET A 331 0.23 3.01 -10.46
N PRO A 332 1.37 2.63 -11.08
CA PRO A 332 2.57 3.45 -11.19
C PRO A 332 2.59 4.38 -12.40
N VAL A 333 3.11 5.59 -12.23
CA VAL A 333 3.15 6.58 -13.31
C VAL A 333 3.52 5.92 -14.63
N GLY A 334 2.93 6.39 -15.72
CA GLY A 334 3.25 5.89 -17.04
C GLY A 334 2.51 4.63 -17.39
N SER A 335 1.87 4.01 -16.39
CA SER A 335 1.07 2.83 -16.63
C SER A 335 0.00 3.11 -17.69
N LYS A 336 0.02 2.33 -18.76
CA LYS A 336 -0.97 2.49 -19.83
C LYS A 336 -2.25 1.77 -19.48
N LEU A 337 -3.38 2.24 -20.04
CA LEU A 337 -4.69 1.70 -19.73
C LEU A 337 -5.74 2.20 -20.72
N THR A 338 -6.89 1.52 -20.75
CA THR A 338 -7.94 1.83 -21.72
C THR A 338 -9.28 1.98 -21.03
N LEU A 339 -10.04 2.99 -21.44
CA LEU A 339 -11.28 3.33 -20.74
C LEU A 339 -12.52 3.33 -21.64
N GLY A 340 -13.67 3.07 -21.02
CA GLY A 340 -14.94 3.13 -21.70
C GLY A 340 -15.80 4.23 -21.12
N LEU A 341 -16.06 5.27 -21.92
CA LEU A 341 -16.84 6.41 -21.47
C LEU A 341 -18.31 6.27 -21.80
N LEU A 342 -18.99 7.41 -21.82
CA LEU A 342 -20.37 7.51 -22.28
C LEU A 342 -20.84 8.94 -22.14
N ARG A 343 -20.34 9.79 -23.04
CA ARG A 343 -20.81 11.16 -23.09
C ARG A 343 -22.02 11.20 -24.02
N ASP A 344 -23.02 11.97 -23.63
CA ASP A 344 -24.25 12.10 -24.41
C ASP A 344 -24.71 10.74 -24.92
N GLY A 345 -25.05 9.85 -23.99
CA GLY A 345 -25.56 8.54 -24.32
C GLY A 345 -24.73 7.75 -25.31
N LYS A 346 -23.58 8.29 -25.71
CA LYS A 346 -22.76 7.61 -26.69
C LYS A 346 -21.47 7.08 -26.09
N GLN A 347 -21.28 5.76 -26.24
CA GLN A 347 -20.12 5.08 -25.70
C GLN A 347 -18.82 5.59 -26.30
N VAL A 348 -17.75 5.51 -25.52
CA VAL A 348 -16.44 5.98 -25.96
C VAL A 348 -15.34 5.06 -25.48
N ASN A 349 -14.32 4.87 -26.32
CA ASN A 349 -13.12 4.19 -25.85
C ASN A 349 -11.92 5.09 -26.05
N VAL A 350 -11.12 5.21 -25.01
CA VAL A 350 -9.95 6.07 -25.06
C VAL A 350 -8.78 5.40 -24.35
N ASN A 351 -7.56 5.74 -24.77
CA ASN A 351 -6.36 5.24 -24.12
C ASN A 351 -5.73 6.33 -23.29
N LEU A 352 -4.82 5.97 -22.40
CA LEU A 352 -4.18 6.97 -21.56
C LEU A 352 -2.92 6.50 -20.88
N GLU A 353 -2.39 7.35 -20.02
CA GLU A 353 -1.18 7.07 -19.27
C GLU A 353 -1.08 7.96 -18.05
N LEU A 354 -0.83 7.35 -16.90
CA LEU A 354 -0.68 8.11 -15.67
C LEU A 354 0.50 9.06 -15.77
N GLN A 355 0.35 10.24 -15.21
CA GLN A 355 1.43 11.22 -15.17
C GLN A 355 1.87 11.47 -13.74
N GLN A 356 2.67 12.50 -13.53
CA GLN A 356 3.12 12.84 -12.20
C GLN A 356 1.98 13.44 -11.39
N SER A 357 2.32 14.15 -10.31
CA SER A 357 1.31 14.65 -9.40
C SER A 357 1.88 15.67 -8.42
N SER A 358 1.73 15.39 -7.12
CA SER A 358 2.27 16.23 -6.07
C SER A 358 1.98 15.62 -4.69
N GLN A 359 2.41 14.38 -4.49
CA GLN A 359 2.05 13.59 -3.31
C GLN A 359 3.01 13.75 -2.13
N ASN A 360 2.79 12.94 -1.10
CA ASN A 360 3.57 12.97 0.14
C ASN A 360 3.82 11.56 0.69
N GLN A 361 5.04 11.30 1.15
CA GLN A 361 5.39 10.04 1.81
C GLN A 361 6.70 10.13 2.60
N VAL A 362 7.18 8.97 3.05
CA VAL A 362 8.48 8.83 3.73
C VAL A 362 8.98 10.10 4.43
N ASP A 363 8.89 10.10 5.76
CA ASP A 363 9.23 11.27 6.57
C ASP A 363 10.64 11.17 7.16
N SER A 364 11.09 12.24 7.81
CA SER A 364 12.38 12.22 8.50
C SER A 364 12.25 11.43 9.79
N SER A 365 11.09 10.82 9.99
CA SER A 365 10.85 9.97 11.14
C SER A 365 10.83 8.50 10.70
N SER A 366 10.28 8.25 9.51
CA SER A 366 10.18 6.89 9.00
C SER A 366 11.55 6.31 8.64
N ILE A 367 12.58 7.15 8.71
CA ILE A 367 13.94 6.72 8.39
C ILE A 367 14.92 7.03 9.51
N PHE A 368 14.72 8.16 10.19
CA PHE A 368 15.61 8.56 11.28
C PHE A 368 15.27 7.84 12.59
N ASN A 369 14.01 7.49 12.76
CA ASN A 369 13.51 6.95 14.02
C ASN A 369 13.78 7.91 15.18
N GLY A 370 13.03 9.00 15.23
CA GLY A 370 13.17 9.98 16.30
C GLY A 370 13.46 11.38 15.81
N ILE A 371 14.29 11.48 14.77
CA ILE A 371 14.68 12.77 14.23
C ILE A 371 13.58 13.37 13.37
N GLU A 372 12.61 13.97 14.03
CA GLU A 372 11.53 14.67 13.35
C GLU A 372 12.14 15.75 12.47
N GLY A 373 11.29 16.55 11.84
CA GLY A 373 11.78 17.60 10.94
C GLY A 373 11.30 17.39 9.53
N ALA A 374 12.12 17.80 8.57
CA ALA A 374 11.73 17.82 7.16
C ALA A 374 11.27 16.47 6.62
N GLU A 375 10.40 16.54 5.62
CA GLU A 375 10.04 15.34 4.87
C GLU A 375 11.16 15.03 3.90
N MET A 376 11.19 13.80 3.40
CA MET A 376 12.33 13.35 2.61
C MET A 376 11.93 12.34 1.57
N SER A 377 12.59 12.38 0.44
CA SER A 377 12.27 11.49 -0.67
C SER A 377 13.46 11.45 -1.62
N ASN A 378 13.40 10.59 -2.62
CA ASN A 378 14.50 10.50 -3.59
C ASN A 378 14.55 11.75 -4.48
N LYS A 379 15.53 11.76 -5.39
CA LYS A 379 15.76 12.92 -6.25
C LYS A 379 16.31 12.48 -7.61
N GLY A 380 15.77 13.06 -8.67
CA GLY A 380 16.20 12.70 -10.02
C GLY A 380 16.42 11.21 -10.14
N LYS A 381 17.52 10.81 -10.75
CA LYS A 381 17.89 9.40 -10.79
C LYS A 381 18.39 8.97 -9.42
N ASP A 382 19.43 8.15 -9.40
CA ASP A 382 20.08 7.79 -8.15
C ASP A 382 20.98 8.95 -7.71
N GLN A 383 20.36 10.12 -7.52
CA GLN A 383 21.10 11.34 -7.22
C GLN A 383 20.98 11.76 -5.76
N GLY A 384 20.62 10.82 -4.90
CA GLY A 384 20.57 11.08 -3.47
C GLY A 384 19.20 11.48 -2.95
N VAL A 385 19.14 11.81 -1.67
CA VAL A 385 17.87 12.13 -1.01
C VAL A 385 17.69 13.63 -0.79
N VAL A 386 16.50 14.13 -1.14
CA VAL A 386 16.20 15.55 -1.01
C VAL A 386 15.30 15.83 0.17
N VAL A 387 15.71 16.81 0.97
CA VAL A 387 14.91 17.28 2.09
C VAL A 387 13.73 18.11 1.59
N ASN A 388 12.53 17.57 1.75
CA ASN A 388 11.33 18.29 1.31
C ASN A 388 11.07 19.57 2.09
N ASN A 389 10.74 19.45 3.38
CA ASN A 389 10.41 20.64 4.17
C ASN A 389 10.67 20.58 5.69
N VAL A 390 11.70 21.30 6.12
CA VAL A 390 12.02 21.39 7.54
C VAL A 390 10.98 22.25 8.27
N LYS A 391 10.52 21.77 9.42
CA LYS A 391 9.56 22.51 10.22
C LYS A 391 10.23 23.69 10.90
N THR A 392 9.80 23.96 12.14
CA THR A 392 10.38 25.05 12.93
C THR A 392 11.19 24.50 14.09
N GLY A 393 10.49 24.09 15.15
CA GLY A 393 11.14 23.53 16.32
C GLY A 393 11.42 22.06 16.14
N THR A 394 12.04 21.70 15.01
CA THR A 394 12.30 20.30 14.72
C THR A 394 13.80 19.96 14.77
N PRO A 395 14.14 18.93 15.55
CA PRO A 395 15.49 18.47 15.91
C PRO A 395 16.40 18.23 14.70
N ALA A 396 15.85 17.69 13.62
CA ALA A 396 16.63 17.50 12.40
C ALA A 396 17.31 18.81 12.00
N ALA A 397 16.51 19.86 11.87
CA ALA A 397 17.02 21.19 11.54
C ALA A 397 17.94 21.71 12.64
N GLN A 398 17.66 21.31 13.88
CA GLN A 398 18.48 21.68 15.02
C GLN A 398 19.74 20.83 14.99
N ILE A 399 20.18 20.52 13.78
CA ILE A 399 21.40 19.76 13.56
C ILE A 399 22.10 20.48 12.42
N GLY A 400 21.45 21.56 11.97
CA GLY A 400 21.96 22.35 10.86
C GLY A 400 21.16 22.09 9.60
N LEU A 401 20.05 21.37 9.76
CA LEU A 401 19.25 20.97 8.61
C LEU A 401 18.36 22.08 8.05
N LYS A 402 18.33 22.18 6.72
CA LYS A 402 17.51 23.16 6.04
C LYS A 402 16.99 22.61 4.72
N LYS A 403 15.73 22.90 4.42
CA LYS A 403 15.11 22.47 3.18
C LYS A 403 15.99 22.72 1.96
N GLY A 404 15.70 22.06 0.85
CA GLY A 404 16.41 22.27 -0.40
C GLY A 404 17.76 21.55 -0.47
N ASP A 405 18.33 21.25 0.69
CA ASP A 405 19.60 20.53 0.76
C ASP A 405 19.49 19.20 0.01
N VAL A 406 20.63 18.59 -0.28
CA VAL A 406 20.63 17.37 -1.10
C VAL A 406 21.72 16.38 -0.70
N ILE A 407 21.49 15.65 0.39
CA ILE A 407 22.43 14.65 0.86
C ILE A 407 22.97 13.81 -0.30
N ILE A 408 24.29 13.83 -0.49
CA ILE A 408 24.93 13.07 -1.56
C ILE A 408 25.80 11.92 -1.02
N GLY A 409 26.22 12.03 0.24
CA GLY A 409 27.09 11.03 0.83
C GLY A 409 27.07 11.03 2.35
N ALA A 410 27.66 9.98 2.94
CA ALA A 410 27.73 9.86 4.38
C ALA A 410 28.74 8.80 4.79
N ASN A 411 29.60 9.15 5.74
CA ASN A 411 30.60 8.20 6.25
C ASN A 411 31.39 7.57 5.11
N GLN A 412 31.82 8.40 4.17
CA GLN A 412 32.57 7.94 3.01
C GLN A 412 31.80 6.84 2.29
N GLN A 413 30.48 6.99 2.24
CA GLN A 413 29.61 6.05 1.54
C GLN A 413 28.59 6.79 0.70
N ALA A 414 28.76 6.73 -0.62
CA ALA A 414 27.84 7.40 -1.54
C ALA A 414 26.40 7.01 -1.26
N VAL A 415 25.49 7.96 -1.50
CA VAL A 415 24.06 7.71 -1.35
C VAL A 415 23.31 8.16 -2.59
N LYS A 416 22.53 7.25 -3.17
CA LYS A 416 21.82 7.53 -4.41
C LYS A 416 20.32 7.53 -4.17
N ASN A 417 19.90 6.96 -3.06
CA ASN A 417 18.49 6.79 -2.76
C ASN A 417 18.25 6.34 -1.33
N ILE A 418 17.03 6.54 -0.84
CA ILE A 418 16.66 6.20 0.54
C ILE A 418 17.20 4.84 0.96
N ALA A 419 17.29 3.92 0.01
CA ALA A 419 17.79 2.58 0.29
C ALA A 419 19.21 2.63 0.85
N GLU A 420 20.14 3.10 0.03
CA GLU A 420 21.53 3.22 0.43
C GLU A 420 21.68 3.97 1.75
N LEU A 421 20.64 4.73 2.11
CA LEU A 421 20.64 5.56 3.30
C LEU A 421 20.29 4.75 4.55
N ARG A 422 19.04 4.33 4.63
CA ARG A 422 18.56 3.52 5.75
C ARG A 422 19.51 2.35 5.95
N LYS A 423 20.27 2.06 4.90
CA LYS A 423 21.28 1.00 4.91
C LYS A 423 22.47 1.39 5.76
N VAL A 424 22.93 2.64 5.62
CA VAL A 424 23.98 3.15 6.48
C VAL A 424 23.42 3.32 7.88
N LEU A 425 22.20 3.83 7.97
CA LEU A 425 21.53 3.96 9.26
C LEU A 425 21.50 2.64 9.99
N ASP A 426 21.42 1.54 9.25
CA ASP A 426 21.43 0.21 9.84
C ASP A 426 22.74 -0.10 10.57
N SER A 427 23.85 0.33 9.99
CA SER A 427 25.14 0.17 10.66
C SER A 427 25.15 0.99 11.96
N LYS A 428 24.18 1.90 12.07
CA LYS A 428 23.94 2.65 13.30
C LYS A 428 25.11 3.50 13.79
N PRO A 429 25.75 4.26 12.88
CA PRO A 429 26.87 5.08 13.32
C PRO A 429 26.54 5.85 14.59
N SER A 430 27.40 5.74 15.59
CA SER A 430 27.27 6.52 16.82
C SER A 430 27.29 7.99 16.45
N VAL A 431 28.20 8.33 15.55
CA VAL A 431 28.33 9.68 15.05
C VAL A 431 27.92 9.68 13.58
N LEU A 432 27.12 10.65 13.18
CA LEU A 432 26.52 10.63 11.85
C LEU A 432 27.04 11.73 10.93
N ALA A 433 27.76 11.33 9.88
CA ALA A 433 28.38 12.30 8.98
C ALA A 433 27.62 12.49 7.68
N LEU A 434 26.91 13.61 7.56
CA LEU A 434 26.14 13.92 6.36
C LEU A 434 26.97 14.72 5.35
N ASN A 435 26.95 14.30 4.10
CA ASN A 435 27.63 15.03 3.04
C ASN A 435 26.62 15.62 2.10
N ILE A 436 26.02 16.73 2.51
CA ILE A 436 24.95 17.35 1.72
C ILE A 436 25.48 18.44 0.80
N GLN A 437 24.59 19.32 0.33
CA GLN A 437 25.00 20.45 -0.50
C GLN A 437 23.91 21.51 -0.69
N ARG A 438 24.05 22.63 0.00
CA ARG A 438 23.17 23.77 -0.17
C ARG A 438 23.63 24.56 -1.38
N GLY A 439 22.68 24.97 -2.23
CA GLY A 439 23.03 25.68 -3.45
C GLY A 439 24.16 24.99 -4.16
N ASP A 440 25.18 25.77 -4.52
CA ASP A 440 26.31 25.26 -5.29
C ASP A 440 27.45 24.82 -4.38
N SER A 441 27.18 24.75 -3.08
CA SER A 441 28.24 24.47 -2.12
C SER A 441 28.30 23.00 -1.72
N THR A 442 29.23 22.68 -0.85
CA THR A 442 29.36 21.34 -0.28
C THR A 442 29.68 21.44 1.21
N ILE A 443 28.86 20.79 2.03
CA ILE A 443 29.01 20.87 3.48
C ILE A 443 28.77 19.52 4.14
N TYR A 444 28.84 19.51 5.47
CA TYR A 444 28.53 18.30 6.23
C TYR A 444 27.67 18.64 7.44
N LEU A 445 26.80 17.71 7.82
CA LEU A 445 26.05 17.85 9.07
C LEU A 445 26.34 16.65 9.95
N LEU A 446 26.07 16.79 11.25
CA LEU A 446 26.49 15.77 12.21
C LEU A 446 25.37 15.29 13.12
N MET A 447 25.66 14.25 13.91
CA MET A 447 24.66 13.68 14.81
C MET A 447 25.26 12.63 15.76
N GLN A 448 24.43 12.11 16.66
CA GLN A 448 24.89 11.15 17.66
C GLN A 448 23.84 10.08 17.97
C1 DFP B . -4.89 -4.45 14.27
C2 DFP B . -4.64 -2.99 13.84
C3 DFP B . -3.63 -5.35 14.35
C1' DFP B . -8.45 -5.13 11.68
C2' DFP B . -7.94 -3.77 12.12
C3' DFP B . -9.84 -5.46 12.21
P DFP B . -5.98 -5.98 12.35
O1P DFP B . -6.05 -5.03 13.71
O2P DFP B . -7.54 -6.20 11.81
O3P DFP B . -5.50 -7.29 12.74
#